data_4AWD
#
_entry.id   4AWD
#
_cell.length_a   51.120
_cell.length_b   107.230
_cell.length_c   137.260
_cell.angle_alpha   90.00
_cell.angle_beta   90.00
_cell.angle_gamma   90.00
#
_symmetry.space_group_name_H-M   'P 2 21 21'
#
loop_
_entity.id
_entity.type
_entity.pdbx_description
1 polymer BETA-PORPHYRANASE
2 non-polymer 'CALCIUM ION'
3 non-polymer GLYCEROL
4 water water
#
_entity_poly.entity_id   1
_entity_poly.type   'polypeptide(L)'
_entity_poly.pdbx_seq_one_letter_code
;MGSSHHHHHHSSGLVPRGSHMASKNDKEYSLAEEHIKNLPEAPEGYKWVVNEDYTDEFNGKRLNAAKWHAKSPYWTNGRP
PATFKAENVSVKKGCLRIINTVLSPTEGLDGKPGDKYRLAGGAVASVKNQAHYGYYETRMKASLTTMSSTFWLSNRPVMK
EIMKGGKKIKTWSSQELDIIETMGIIRSVNPDNPWNKTWNMQMNSNTHYWYQEQGGKRTDNTAKRSDVVSYMTDPSAEDF
HTYGCWWVDANTVKFYYDGKYMYTIKPTTKYTDTPFDRPMFIHIVTETYDWEKQVPTAEDLKDKDKSTTYYDWVRAYKLV
PIEE
;
_entity_poly.pdbx_strand_id   A,B
#
loop_
_chem_comp.id
_chem_comp.type
_chem_comp.name
_chem_comp.formula
CA non-polymer 'CALCIUM ION' 'Ca 2'
GOL non-polymer GLYCEROL 'C3 H8 O3'
#
# COMPACT_ATOMS: atom_id res chain seq x y z
N LYS A 27 19.61 -8.91 17.28
CA LYS A 27 19.06 -10.25 17.66
C LYS A 27 17.66 -10.47 17.08
N GLU A 28 17.25 -9.57 16.18
CA GLU A 28 15.90 -9.62 15.60
C GLU A 28 15.66 -10.82 14.66
N TYR A 29 16.73 -11.43 14.16
CA TYR A 29 16.61 -12.53 13.17
C TYR A 29 17.19 -13.88 13.63
N SER A 30 17.63 -13.95 14.88
CA SER A 30 18.30 -15.14 15.43
C SER A 30 17.39 -16.35 15.55
N LEU A 31 16.16 -16.11 15.99
CA LEU A 31 15.20 -17.20 16.17
C LEU A 31 14.86 -17.81 14.83
N ALA A 32 14.71 -16.96 13.80
CA ALA A 32 14.41 -17.41 12.45
C ALA A 32 15.58 -18.19 11.84
N GLU A 33 16.81 -17.71 12.07
CA GLU A 33 18.01 -18.44 11.60
C GLU A 33 18.06 -19.83 12.21
N GLU A 34 17.85 -19.90 13.52
CA GLU A 34 17.83 -21.16 14.26
C GLU A 34 16.73 -22.10 13.74
N HIS A 35 15.59 -21.54 13.30
CA HIS A 35 14.46 -22.32 12.80
C HIS A 35 14.73 -23.06 11.46
N ILE A 36 15.83 -22.75 10.78
CA ILE A 36 16.21 -23.43 9.53
C ILE A 36 16.37 -24.96 9.72
N LYS A 37 16.84 -25.38 10.89
CA LYS A 37 16.83 -26.79 11.32
C LYS A 37 15.54 -27.52 10.93
N ASN A 38 14.41 -26.82 11.10
CA ASN A 38 13.08 -27.41 10.96
C ASN A 38 12.49 -27.39 9.56
N LEU A 39 13.07 -26.58 8.69
CA LEU A 39 12.62 -26.49 7.31
C LEU A 39 12.91 -27.80 6.56
N PRO A 40 12.18 -28.05 5.46
CA PRO A 40 12.55 -29.10 4.53
C PRO A 40 13.97 -28.88 4.03
N GLU A 41 14.72 -29.96 3.85
CA GLU A 41 16.09 -29.88 3.37
C GLU A 41 16.10 -29.09 2.07
N ALA A 42 17.00 -28.12 2.00
CA ALA A 42 17.20 -27.34 0.80
C ALA A 42 17.70 -28.29 -0.31
N PRO A 43 17.37 -27.99 -1.57
CA PRO A 43 17.99 -28.72 -2.68
C PRO A 43 19.52 -28.68 -2.62
N GLU A 44 20.14 -29.72 -3.17
CA GLU A 44 21.59 -29.77 -3.33
C GLU A 44 22.10 -28.53 -4.06
N GLY A 45 23.13 -27.91 -3.49
CA GLY A 45 23.71 -26.68 -4.03
C GLY A 45 23.17 -25.41 -3.41
N TYR A 46 22.04 -25.51 -2.71
CA TYR A 46 21.38 -24.32 -2.16
C TYR A 46 21.28 -24.35 -0.63
N LYS A 47 21.00 -23.20 -0.03
CA LYS A 47 20.79 -23.11 1.42
C LYS A 47 19.66 -22.13 1.75
N TRP A 48 18.95 -22.39 2.85
CA TRP A 48 17.91 -21.47 3.27
C TRP A 48 18.54 -20.25 3.94
N VAL A 49 17.99 -19.09 3.60
CA VAL A 49 18.47 -17.81 4.11
C VAL A 49 17.27 -16.96 4.56
N VAL A 50 17.38 -16.33 5.72
CA VAL A 50 16.27 -15.54 6.24
C VAL A 50 15.92 -14.43 5.25
N ASN A 51 14.64 -14.28 4.94
CA ASN A 51 14.18 -13.09 4.24
C ASN A 51 13.66 -12.10 5.27
N GLU A 52 14.48 -11.09 5.58
CA GLU A 52 14.19 -10.19 6.70
C GLU A 52 12.90 -9.40 6.51
N ASP A 53 12.59 -9.17 5.24
CA ASP A 53 11.50 -8.30 4.86
C ASP A 53 10.13 -8.83 5.26
N TYR A 54 10.00 -10.13 5.47
CA TYR A 54 8.71 -10.74 5.81
C TYR A 54 8.84 -11.61 7.06
N THR A 55 9.80 -11.25 7.91
CA THR A 55 10.13 -12.04 9.07
C THR A 55 10.01 -11.14 10.27
N ASP A 56 9.31 -11.65 11.29
CA ASP A 56 9.09 -10.91 12.52
C ASP A 56 8.68 -11.81 13.67
N GLU A 57 9.41 -11.65 14.78
CA GLU A 57 9.16 -12.42 15.99
C GLU A 57 8.13 -11.73 16.86
N PHE A 58 7.84 -10.47 16.58
CA PHE A 58 6.89 -9.68 17.36
C PHE A 58 7.25 -9.70 18.86
N ASN A 59 8.54 -9.60 19.15
CA ASN A 59 9.00 -9.68 20.55
C ASN A 59 9.32 -8.32 21.15
N GLY A 60 8.97 -7.26 20.43
CA GLY A 60 9.17 -5.91 20.89
C GLY A 60 7.97 -5.29 21.60
N LYS A 61 7.99 -3.96 21.68
CA LYS A 61 6.95 -3.22 22.41
C LYS A 61 5.83 -2.73 21.49
N ARG A 62 6.02 -2.87 20.17
CA ARG A 62 5.04 -2.43 19.17
C ARG A 62 5.26 -3.12 17.82
N LEU A 63 4.25 -3.03 16.96
CA LEU A 63 4.38 -3.46 15.58
C LEU A 63 5.42 -2.59 14.88
N ASN A 64 6.29 -3.23 14.11
CA ASN A 64 7.32 -2.53 13.39
C ASN A 64 6.73 -1.87 12.16
N ALA A 65 6.49 -0.57 12.26
CA ALA A 65 5.81 0.17 11.23
C ALA A 65 6.66 0.32 9.96
N ALA A 66 7.95 0.04 10.05
CA ALA A 66 8.77 0.01 8.82
C ALA A 66 8.45 -1.21 7.95
N LYS A 67 8.10 -2.32 8.59
CA LYS A 67 7.88 -3.62 7.93
C LYS A 67 6.40 -3.97 7.66
N TRP A 68 5.49 -3.43 8.47
CA TRP A 68 4.08 -3.84 8.42
C TRP A 68 3.11 -2.66 8.34
N HIS A 69 2.04 -2.85 7.58
CA HIS A 69 0.87 -1.97 7.69
C HIS A 69 -0.11 -2.58 8.69
N ALA A 70 -0.37 -1.88 9.79
CA ALA A 70 -1.34 -2.36 10.82
C ALA A 70 -2.75 -2.47 10.24
N LYS A 71 -3.11 -1.52 9.39
CA LYS A 71 -4.30 -1.62 8.56
C LYS A 71 -3.89 -1.73 7.09
N SER A 72 -4.09 -2.93 6.54
CA SER A 72 -3.76 -3.18 5.14
C SER A 72 -4.34 -2.11 4.21
N PRO A 73 -3.51 -1.55 3.33
CA PRO A 73 -4.03 -0.61 2.31
C PRO A 73 -4.73 -1.33 1.14
N TYR A 74 -4.68 -2.65 1.13
CA TYR A 74 -5.13 -3.42 -0.03
C TYR A 74 -6.57 -3.93 0.05
N TRP A 75 -6.97 -4.34 1.24
CA TRP A 75 -8.32 -4.76 1.53
C TRP A 75 -8.82 -3.81 2.62
N THR A 76 -9.43 -2.72 2.17
CA THR A 76 -9.74 -1.56 3.00
C THR A 76 -11.08 -1.74 3.76
N ASN A 77 -12.04 -2.33 3.06
CA ASN A 77 -13.35 -2.62 3.64
C ASN A 77 -13.60 -4.12 3.65
N GLY A 78 -13.77 -4.67 4.86
CA GLY A 78 -13.91 -6.13 5.01
C GLY A 78 -15.17 -6.71 4.37
N ARG A 79 -15.36 -8.02 4.55
CA ARG A 79 -16.56 -8.71 4.10
C ARG A 79 -17.61 -8.46 5.16
N PRO A 80 -18.72 -7.78 4.80
CA PRO A 80 -19.74 -7.49 5.83
C PRO A 80 -20.17 -8.79 6.53
N PRO A 81 -20.39 -8.74 7.85
CA PRO A 81 -20.47 -7.50 8.65
C PRO A 81 -19.22 -7.11 9.44
N ALA A 82 -18.04 -7.63 9.06
CA ALA A 82 -16.80 -7.20 9.72
C ALA A 82 -15.86 -6.48 8.79
N THR A 83 -15.23 -5.42 9.29
CA THR A 83 -14.15 -4.81 8.55
C THR A 83 -12.86 -4.87 9.38
N PHE A 84 -11.90 -3.98 9.09
CA PHE A 84 -10.59 -4.04 9.73
C PHE A 84 -10.20 -2.70 10.33
N LYS A 85 -9.68 -2.70 11.54
CA LYS A 85 -9.20 -1.48 12.13
C LYS A 85 -7.78 -1.64 12.66
N ALA A 86 -6.99 -0.59 12.52
CA ALA A 86 -5.63 -0.56 13.05
C ALA A 86 -5.58 -0.80 14.56
N GLU A 87 -6.55 -0.24 15.27
CA GLU A 87 -6.63 -0.36 16.74
C GLU A 87 -6.80 -1.81 17.22
N ASN A 88 -7.21 -2.72 16.33
CA ASN A 88 -7.38 -4.13 16.67
C ASN A 88 -6.11 -4.96 16.54
N VAL A 89 -5.03 -4.29 16.13
CA VAL A 89 -3.74 -4.93 15.89
C VAL A 89 -2.76 -4.42 16.93
N SER A 90 -2.20 -5.33 17.72
CA SER A 90 -1.17 -4.96 18.65
C SER A 90 -0.07 -6.01 18.68
N VAL A 91 1.01 -5.70 19.38
CA VAL A 91 2.10 -6.64 19.64
C VAL A 91 2.34 -6.60 21.15
N LYS A 92 2.17 -7.73 21.82
CA LYS A 92 2.31 -7.76 23.24
C LYS A 92 2.72 -9.16 23.66
N LYS A 93 3.67 -9.23 24.60
CA LYS A 93 4.15 -10.51 25.19
C LYS A 93 4.52 -11.57 24.16
N GLY A 94 5.26 -11.18 23.12
CA GLY A 94 5.80 -12.15 22.16
C GLY A 94 4.91 -12.50 20.97
N CYS A 95 3.73 -11.88 20.90
CA CYS A 95 2.76 -12.18 19.83
C CYS A 95 2.21 -10.97 19.13
N LEU A 96 2.05 -11.09 17.82
CA LEU A 96 1.16 -10.22 17.09
C LEU A 96 -0.25 -10.64 17.51
N ARG A 97 -1.05 -9.67 17.90
CA ARG A 97 -2.43 -9.91 18.34
C ARG A 97 -3.37 -9.20 17.42
N ILE A 98 -4.26 -9.97 16.80
CA ILE A 98 -5.37 -9.37 16.06
C ILE A 98 -6.67 -9.72 16.77
N ILE A 99 -7.26 -8.73 17.43
CA ILE A 99 -8.46 -8.95 18.26
C ILE A 99 -9.72 -8.58 17.48
N ASN A 100 -10.78 -9.35 17.67
CA ASN A 100 -12.10 -9.05 17.11
C ASN A 100 -12.99 -8.36 18.13
N THR A 101 -13.55 -7.23 17.75
CA THR A 101 -14.35 -6.42 18.68
C THR A 101 -15.65 -6.01 18.03
N VAL A 102 -16.64 -5.68 18.86
CA VAL A 102 -17.83 -4.97 18.43
C VAL A 102 -17.41 -3.62 17.84
N LEU A 103 -17.93 -3.27 16.67
CA LEU A 103 -17.64 -1.96 16.10
C LEU A 103 -18.78 -1.01 16.42
N SER A 104 -18.47 0.08 17.10
CA SER A 104 -19.48 1.02 17.55
C SER A 104 -18.95 2.46 17.49
N PRO A 105 -19.67 3.37 16.83
CA PRO A 105 -20.90 3.08 16.11
C PRO A 105 -20.71 2.19 14.88
N THR A 106 -21.82 1.57 14.50
CA THR A 106 -21.95 0.85 13.25
C THR A 106 -21.40 1.69 12.07
N GLU A 107 -20.94 1.03 11.00
CA GLU A 107 -20.30 1.75 9.90
C GLU A 107 -20.72 1.31 8.49
N GLY A 108 -20.65 2.25 7.55
CA GLY A 108 -20.70 1.96 6.12
C GLY A 108 -19.27 1.75 5.59
N LEU A 109 -19.01 2.19 4.36
CA LEU A 109 -17.67 2.07 3.75
C LEU A 109 -16.71 3.18 4.21
N ASP A 110 -15.43 2.85 4.31
CA ASP A 110 -14.37 3.82 4.59
C ASP A 110 -14.58 4.68 5.83
N GLY A 111 -15.01 4.08 6.93
CA GLY A 111 -15.12 4.78 8.23
C GLY A 111 -16.38 5.63 8.44
N LYS A 112 -17.19 5.75 7.40
CA LYS A 112 -18.45 6.50 7.45
C LYS A 112 -19.52 5.78 8.28
N PRO A 113 -20.45 6.53 8.90
CA PRO A 113 -21.59 5.87 9.53
C PRO A 113 -22.45 5.14 8.48
N GLY A 114 -23.03 4.03 8.89
CA GLY A 114 -23.78 3.17 7.97
C GLY A 114 -24.12 1.88 8.69
N ASP A 115 -24.70 0.92 7.97
CA ASP A 115 -25.18 -0.32 8.59
C ASP A 115 -24.47 -1.56 8.04
N LYS A 116 -23.38 -1.33 7.34
CA LYS A 116 -22.67 -2.40 6.68
C LYS A 116 -21.83 -3.18 7.69
N TYR A 117 -21.17 -2.48 8.61
CA TYR A 117 -20.21 -3.10 9.56
C TYR A 117 -20.55 -2.87 11.04
N ARG A 118 -20.58 -3.95 11.80
CA ARG A 118 -20.78 -3.86 13.24
C ARG A 118 -19.74 -4.68 14.00
N LEU A 119 -18.84 -5.31 13.25
CA LEU A 119 -17.72 -6.03 13.82
C LEU A 119 -16.42 -5.48 13.27
N ALA A 120 -15.41 -5.41 14.12
CA ALA A 120 -14.09 -5.01 13.66
C ALA A 120 -13.07 -6.13 13.88
N GLY A 121 -12.37 -6.46 12.81
CA GLY A 121 -11.19 -7.35 12.89
C GLY A 121 -9.92 -6.62 12.52
N GLY A 122 -8.90 -7.39 12.11
CA GLY A 122 -7.62 -6.84 11.69
C GLY A 122 -7.15 -7.37 10.36
N ALA A 123 -6.51 -6.52 9.57
CA ALA A 123 -5.85 -6.91 8.34
C ALA A 123 -4.48 -6.27 8.29
N VAL A 124 -3.46 -7.09 8.52
CA VAL A 124 -2.04 -6.67 8.43
C VAL A 124 -1.43 -7.02 7.06
N ALA A 125 -0.71 -6.08 6.47
CA ALA A 125 0.01 -6.32 5.22
C ALA A 125 1.46 -5.94 5.38
N SER A 126 2.36 -6.78 4.90
CA SER A 126 3.76 -6.36 4.80
C SER A 126 3.87 -5.12 3.91
N VAL A 127 4.83 -4.26 4.25
CA VAL A 127 5.08 -3.04 3.50
C VAL A 127 5.64 -3.39 2.12
N LYS A 128 6.58 -4.33 2.10
CA LYS A 128 7.19 -4.73 0.86
C LYS A 128 6.32 -5.78 0.21
N ASN A 129 6.37 -5.86 -1.11
CA ASN A 129 5.54 -6.77 -1.86
C ASN A 129 6.32 -7.62 -2.86
N GLN A 130 7.53 -8.02 -2.49
CA GLN A 130 8.41 -8.77 -3.39
C GLN A 130 8.73 -10.15 -2.84
N ALA A 131 7.82 -10.70 -2.03
CA ALA A 131 8.00 -12.06 -1.54
C ALA A 131 7.68 -13.01 -2.68
N HIS A 132 8.67 -13.81 -3.10
CA HIS A 132 8.47 -14.77 -4.18
C HIS A 132 8.85 -16.18 -3.72
N TYR A 133 9.47 -16.97 -4.60
CA TYR A 133 9.81 -18.37 -4.30
C TYR A 133 10.66 -18.42 -3.05
N GLY A 134 10.35 -19.39 -2.21
CA GLY A 134 10.88 -19.41 -0.86
C GLY A 134 9.93 -20.10 0.08
N TYR A 135 10.13 -19.87 1.37
CA TYR A 135 9.39 -20.55 2.41
C TYR A 135 8.80 -19.54 3.40
N TYR A 136 7.54 -19.76 3.77
CA TYR A 136 6.78 -18.82 4.57
C TYR A 136 6.01 -19.60 5.61
N GLU A 137 6.01 -19.11 6.84
CA GLU A 137 5.46 -19.88 7.94
C GLU A 137 5.08 -18.99 9.10
N THR A 138 4.03 -19.39 9.82
CA THR A 138 3.66 -18.72 11.04
C THR A 138 3.31 -19.74 12.12
N ARG A 139 3.54 -19.34 13.38
CA ARG A 139 3.02 -20.04 14.55
C ARG A 139 1.80 -19.25 15.05
N MET A 140 0.62 -19.84 14.88
CA MET A 140 -0.64 -19.16 15.11
C MET A 140 -1.52 -19.94 16.08
N LYS A 141 -2.22 -19.21 16.93
CA LYS A 141 -3.32 -19.81 17.67
C LYS A 141 -4.56 -19.06 17.28
N ALA A 142 -5.59 -19.78 16.84
CA ALA A 142 -6.84 -19.12 16.36
C ALA A 142 -7.65 -18.54 17.51
N SER A 143 -8.39 -17.48 17.23
CA SER A 143 -9.36 -16.95 18.19
C SER A 143 -10.47 -17.98 18.37
N LEU A 144 -11.01 -18.08 19.60
CA LEU A 144 -12.15 -18.94 19.90
C LEU A 144 -13.43 -18.18 19.50
N THR A 145 -13.67 -18.17 18.20
CA THR A 145 -14.53 -17.19 17.58
C THR A 145 -14.91 -17.74 16.22
N THR A 146 -16.04 -17.29 15.67
CA THR A 146 -16.45 -17.67 14.33
C THR A 146 -15.92 -16.72 13.24
N MET A 147 -14.89 -15.94 13.58
CA MET A 147 -14.14 -15.16 12.60
C MET A 147 -12.81 -15.86 12.28
N SER A 148 -12.32 -15.66 11.07
CA SER A 148 -11.18 -16.40 10.56
C SER A 148 -9.88 -16.03 11.28
N SER A 149 -8.96 -16.97 11.33
CA SER A 149 -7.55 -16.70 11.65
C SER A 149 -6.81 -17.14 10.41
N THR A 150 -6.07 -16.23 9.77
CA THR A 150 -5.45 -16.56 8.50
C THR A 150 -4.02 -16.06 8.38
N PHE A 151 -3.27 -16.68 7.46
CA PHE A 151 -1.92 -16.30 7.09
C PHE A 151 -1.81 -16.62 5.61
N TRP A 152 -1.55 -15.59 4.80
CA TRP A 152 -1.53 -15.74 3.35
C TRP A 152 -0.76 -14.65 2.63
N LEU A 153 -0.56 -14.87 1.34
CA LEU A 153 0.11 -13.91 0.46
C LEU A 153 -0.79 -13.62 -0.74
N SER A 154 -0.64 -12.43 -1.29
CA SER A 154 -1.46 -11.97 -2.39
C SER A 154 -0.73 -10.89 -3.16
N ASN A 155 -1.20 -10.63 -4.37
CA ASN A 155 -0.74 -9.47 -5.11
C ASN A 155 -1.91 -8.76 -5.81
N ARG A 156 -1.61 -7.62 -6.43
CA ARG A 156 -2.62 -6.80 -7.07
C ARG A 156 -2.76 -7.15 -8.55
N PRO A 157 -3.94 -6.87 -9.13
CA PRO A 157 -4.21 -7.26 -10.50
C PRO A 157 -3.36 -6.52 -11.52
N VAL A 158 -2.96 -7.23 -12.57
CA VAL A 158 -2.15 -6.67 -13.65
C VAL A 158 -2.97 -6.78 -14.93
N MET A 159 -3.01 -5.69 -15.68
CA MET A 159 -3.80 -5.63 -16.91
C MET A 159 -3.01 -6.20 -18.10
N LYS A 160 -3.70 -7.00 -18.91
CA LYS A 160 -3.18 -7.49 -20.18
C LYS A 160 -4.26 -7.31 -21.24
N GLU A 161 -3.87 -6.77 -22.39
CA GLU A 161 -4.81 -6.57 -23.50
C GLU A 161 -4.91 -7.80 -24.39
N ILE A 162 -6.15 -8.13 -24.75
CA ILE A 162 -6.43 -9.28 -25.60
C ILE A 162 -7.27 -8.89 -26.83
N MET A 163 -7.20 -9.69 -27.89
CA MET A 163 -8.01 -9.49 -29.10
C MET A 163 -8.98 -10.66 -29.29
N LYS A 164 -10.22 -10.35 -29.69
CA LYS A 164 -11.22 -11.36 -30.07
C LYS A 164 -11.50 -11.33 -31.59
N GLY A 165 -12.14 -10.26 -32.08
CA GLY A 165 -12.35 -10.11 -33.52
C GLY A 165 -13.32 -9.04 -34.01
N GLY A 166 -12.81 -7.88 -34.41
CA GLY A 166 -11.42 -7.51 -34.19
C GLY A 166 -11.45 -6.52 -33.05
N LYS A 167 -11.82 -7.02 -31.87
CA LYS A 167 -12.07 -6.17 -30.73
C LYS A 167 -11.02 -6.37 -29.63
N LYS A 168 -10.45 -5.27 -29.17
CA LYS A 168 -9.54 -5.25 -28.03
C LYS A 168 -10.36 -5.54 -26.78
N ILE A 169 -9.81 -6.37 -25.91
CA ILE A 169 -10.44 -6.62 -24.63
C ILE A 169 -9.39 -6.49 -23.55
N LYS A 170 -9.68 -5.66 -22.56
CA LYS A 170 -8.86 -5.60 -21.36
C LYS A 170 -9.14 -6.83 -20.48
N THR A 171 -8.07 -7.42 -19.98
CA THR A 171 -8.17 -8.48 -18.99
C THR A 171 -7.27 -8.20 -17.77
N TRP A 172 -7.62 -8.79 -16.64
CA TRP A 172 -6.83 -8.66 -15.43
C TRP A 172 -6.63 -10.01 -14.76
N SER A 173 -5.43 -10.20 -14.21
CA SER A 173 -5.13 -11.36 -13.39
C SER A 173 -4.34 -10.97 -12.14
N SER A 174 -4.51 -11.78 -11.09
CA SER A 174 -3.69 -11.69 -9.89
C SER A 174 -3.64 -13.07 -9.25
N GLN A 175 -2.82 -13.23 -8.21
CA GLN A 175 -2.70 -14.51 -7.52
C GLN A 175 -2.80 -14.34 -6.01
N GLU A 176 -3.06 -15.45 -5.34
CA GLU A 176 -3.37 -15.45 -3.94
C GLU A 176 -3.01 -16.81 -3.39
N LEU A 177 -2.20 -16.83 -2.34
CA LEU A 177 -1.69 -18.05 -1.76
C LEU A 177 -2.09 -18.11 -0.30
N ASP A 178 -3.05 -18.98 0.00
CA ASP A 178 -3.59 -19.15 1.35
C ASP A 178 -2.85 -20.26 2.04
N ILE A 179 -2.05 -19.90 3.05
CA ILE A 179 -1.25 -20.89 3.77
C ILE A 179 -2.11 -21.54 4.84
N ILE A 180 -2.89 -20.74 5.57
CA ILE A 180 -3.92 -21.30 6.45
C ILE A 180 -5.13 -20.40 6.57
N GLU A 181 -6.30 -21.01 6.49
CA GLU A 181 -7.56 -20.44 6.97
C GLU A 181 -8.14 -21.39 7.99
N THR A 182 -8.54 -20.88 9.16
CA THR A 182 -9.39 -21.64 10.10
C THR A 182 -10.29 -20.65 10.82
N MET A 183 -11.21 -21.15 11.63
CA MET A 183 -11.83 -20.37 12.68
C MET A 183 -11.93 -21.28 13.90
N GLY A 184 -11.99 -20.70 15.10
CA GLY A 184 -11.94 -21.51 16.29
C GLY A 184 -13.21 -22.25 16.64
N ILE A 185 -14.36 -21.65 16.29
CA ILE A 185 -15.67 -22.26 16.57
C ILE A 185 -16.43 -22.48 15.26
N ILE A 186 -17.08 -23.65 15.16
CA ILE A 186 -17.88 -24.00 14.01
C ILE A 186 -19.37 -24.02 14.39
N ARG A 187 -20.19 -23.21 13.72
CA ARG A 187 -21.62 -23.12 14.06
C ARG A 187 -22.60 -23.49 12.94
N SER A 188 -22.43 -22.92 11.75
CA SER A 188 -23.35 -23.12 10.65
C SER A 188 -23.03 -24.37 9.84
N VAL A 189 -23.57 -25.49 10.30
CA VAL A 189 -23.31 -26.77 9.67
C VAL A 189 -24.59 -27.31 9.05
N ASN A 190 -24.65 -27.23 7.73
CA ASN A 190 -25.72 -27.84 6.97
C ASN A 190 -25.64 -29.37 7.13
N PRO A 191 -26.68 -29.99 7.74
CA PRO A 191 -26.67 -31.43 8.06
C PRO A 191 -26.57 -32.31 6.82
N ASP A 192 -27.14 -31.81 5.72
CA ASP A 192 -27.10 -32.48 4.43
C ASP A 192 -25.71 -32.38 3.79
N ASN A 193 -25.00 -31.28 4.05
CA ASN A 193 -23.63 -31.06 3.52
C ASN A 193 -22.71 -30.40 4.55
N PRO A 194 -22.21 -31.21 5.51
CA PRO A 194 -21.41 -30.74 6.63
C PRO A 194 -19.92 -30.61 6.32
N TRP A 195 -19.61 -30.02 5.16
CA TRP A 195 -18.24 -29.86 4.66
C TRP A 195 -17.33 -29.12 5.63
N ASN A 196 -17.89 -28.15 6.35
CA ASN A 196 -17.14 -27.31 7.27
C ASN A 196 -17.19 -27.80 8.72
N LYS A 197 -17.74 -28.99 8.94
CA LYS A 197 -17.93 -29.57 10.28
C LYS A 197 -16.66 -29.58 11.14
N THR A 198 -15.54 -29.88 10.50
CA THR A 198 -14.25 -30.03 11.18
C THR A 198 -13.23 -29.00 10.67
N TRP A 199 -13.73 -27.89 10.12
CA TRP A 199 -12.86 -26.91 9.46
C TRP A 199 -11.76 -26.35 10.38
N ASN A 200 -12.04 -26.27 11.68
CA ASN A 200 -11.04 -25.92 12.67
C ASN A 200 -9.96 -26.99 12.94
N MET A 201 -10.08 -28.14 12.26
CA MET A 201 -9.14 -29.26 12.41
C MET A 201 -8.59 -29.77 11.07
N GLN A 202 -8.55 -28.89 10.07
CA GLN A 202 -8.09 -29.30 8.76
C GLN A 202 -7.10 -28.26 8.25
N MET A 203 -6.10 -28.72 7.51
CA MET A 203 -5.11 -27.83 6.88
C MET A 203 -5.77 -27.25 5.64
N ASN A 204 -6.58 -26.22 5.85
CA ASN A 204 -7.20 -25.49 4.74
C ASN A 204 -6.23 -24.50 4.11
N SER A 205 -5.60 -24.93 3.01
CA SER A 205 -4.68 -24.08 2.27
C SER A 205 -5.28 -23.98 0.90
N ASN A 206 -4.76 -23.09 0.06
CA ASN A 206 -5.37 -22.90 -1.23
C ASN A 206 -4.54 -21.99 -2.14
N THR A 207 -4.85 -22.04 -3.43
CA THR A 207 -4.27 -21.14 -4.41
C THR A 207 -5.38 -20.59 -5.28
N HIS A 208 -5.24 -19.33 -5.69
CA HIS A 208 -6.18 -18.71 -6.60
C HIS A 208 -5.43 -18.02 -7.71
N TYR A 209 -5.78 -18.33 -8.96
CA TYR A 209 -5.42 -17.48 -10.07
C TYR A 209 -6.68 -16.71 -10.43
N TRP A 210 -6.69 -15.41 -10.16
CA TRP A 210 -7.87 -14.59 -10.44
C TRP A 210 -7.85 -14.11 -11.88
N TYR A 211 -8.94 -14.31 -12.60
CA TYR A 211 -9.01 -13.89 -14.00
C TYR A 211 -10.32 -13.19 -14.32
N GLN A 212 -10.20 -12.11 -15.10
CA GLN A 212 -11.36 -11.32 -15.49
C GLN A 212 -11.14 -10.60 -16.82
N GLU A 213 -12.15 -10.68 -17.68
CA GLU A 213 -12.19 -9.90 -18.91
C GLU A 213 -13.16 -8.75 -18.70
N GLN A 214 -12.86 -7.60 -19.30
CA GLN A 214 -13.68 -6.41 -19.11
C GLN A 214 -15.13 -6.62 -19.57
N GLY A 215 -16.06 -6.35 -18.66
CA GLY A 215 -17.48 -6.61 -18.87
C GLY A 215 -17.91 -7.95 -18.31
N GLY A 216 -16.94 -8.86 -18.12
CA GLY A 216 -17.20 -10.19 -17.61
C GLY A 216 -17.11 -10.25 -16.09
N LYS A 217 -17.33 -11.44 -15.54
CA LYS A 217 -17.23 -11.61 -14.09
C LYS A 217 -15.79 -11.96 -13.68
N ARG A 218 -15.45 -11.69 -12.43
CA ARG A 218 -14.16 -12.12 -11.87
C ARG A 218 -14.26 -13.63 -11.60
N THR A 219 -13.36 -14.43 -12.18
CA THR A 219 -13.38 -15.86 -11.94
C THR A 219 -12.27 -16.27 -10.97
N ASP A 220 -12.64 -17.10 -10.01
CA ASP A 220 -11.71 -17.63 -9.03
C ASP A 220 -11.25 -18.99 -9.51
N ASN A 221 -10.01 -19.08 -10.01
CA ASN A 221 -9.53 -20.34 -10.57
C ASN A 221 -8.61 -21.13 -9.64
N THR A 222 -9.12 -22.29 -9.27
CA THR A 222 -8.62 -23.10 -8.19
C THR A 222 -8.02 -24.41 -8.75
N ALA A 223 -7.19 -25.08 -7.97
CA ALA A 223 -6.62 -26.37 -8.36
C ALA A 223 -6.74 -27.41 -7.24
N LYS A 224 -6.91 -28.66 -7.64
CA LYS A 224 -7.04 -29.77 -6.71
C LYS A 224 -5.68 -30.04 -6.02
N ARG A 225 -5.77 -30.63 -4.84
CA ARG A 225 -4.58 -30.99 -4.09
C ARG A 225 -3.99 -32.26 -4.68
N SER A 226 -2.66 -32.33 -4.72
CA SER A 226 -1.99 -33.52 -5.21
C SER A 226 -0.93 -34.01 -4.22
N ASP A 227 -0.57 -35.28 -4.38
CA ASP A 227 0.52 -35.92 -3.61
C ASP A 227 0.27 -35.74 -2.13
N VAL A 228 -0.90 -36.18 -1.70
CA VAL A 228 -1.44 -35.85 -0.40
C VAL A 228 -0.95 -36.81 0.67
N VAL A 229 -0.52 -36.26 1.79
CA VAL A 229 -0.19 -37.05 2.96
C VAL A 229 -1.35 -36.92 3.94
N SER A 230 -1.72 -35.68 4.29
CA SER A 230 -2.79 -35.43 5.23
C SER A 230 -3.43 -34.04 5.12
N TYR A 231 -4.72 -33.97 5.47
CA TYR A 231 -5.43 -32.70 5.70
C TYR A 231 -5.65 -32.49 7.20
N MET A 232 -5.22 -33.47 8.01
CA MET A 232 -5.65 -33.55 9.42
C MET A 232 -4.84 -32.63 10.34
N THR A 233 -5.56 -31.90 11.16
CA THR A 233 -4.96 -30.85 11.95
C THR A 233 -5.58 -30.82 13.36
N ASP A 234 -4.95 -30.14 14.29
CA ASP A 234 -5.48 -30.06 15.65
C ASP A 234 -6.40 -28.84 15.77
N PRO A 235 -7.33 -28.85 16.75
CA PRO A 235 -8.28 -27.72 16.89
C PRO A 235 -7.51 -26.38 16.93
N SER A 236 -7.78 -25.50 15.96
CA SER A 236 -6.91 -24.35 15.72
C SER A 236 -6.85 -23.35 16.88
N ALA A 237 -7.93 -23.28 17.67
CA ALA A 237 -8.01 -22.33 18.79
C ALA A 237 -7.42 -22.84 20.10
N GLU A 238 -7.11 -24.13 20.18
CA GLU A 238 -6.63 -24.71 21.44
C GLU A 238 -5.14 -24.52 21.67
N ASP A 239 -4.38 -24.31 20.61
CA ASP A 239 -2.95 -24.21 20.76
C ASP A 239 -2.27 -23.59 19.55
N PHE A 240 -1.00 -23.25 19.75
CA PHE A 240 -0.19 -22.69 18.69
C PHE A 240 0.25 -23.83 17.81
N HIS A 241 0.15 -23.61 16.52
CA HIS A 241 0.67 -24.56 15.57
C HIS A 241 1.37 -23.82 14.45
N THR A 242 2.12 -24.57 13.69
CA THR A 242 2.96 -24.04 12.65
C THR A 242 2.25 -24.29 11.31
N TYR A 243 2.12 -23.24 10.51
CA TYR A 243 1.47 -23.35 9.20
C TYR A 243 2.38 -22.72 8.15
N GLY A 244 2.86 -23.54 7.24
CA GLY A 244 3.93 -23.13 6.36
C GLY A 244 3.77 -23.55 4.91
N CYS A 245 4.38 -22.75 4.06
CA CYS A 245 4.36 -23.01 2.66
C CYS A 245 5.77 -22.96 2.11
N TRP A 246 6.13 -23.95 1.31
CA TRP A 246 7.29 -23.84 0.45
C TRP A 246 6.79 -23.48 -0.95
N TRP A 247 6.90 -22.21 -1.29
CA TRP A 247 6.50 -21.77 -2.62
C TRP A 247 7.69 -22.09 -3.54
N VAL A 248 7.64 -23.25 -4.19
CA VAL A 248 8.82 -23.83 -4.84
C VAL A 248 9.16 -23.13 -6.15
N ASP A 249 8.13 -22.93 -6.99
CA ASP A 249 8.27 -22.26 -8.29
C ASP A 249 6.90 -21.77 -8.76
N ALA A 250 6.83 -21.36 -10.02
CA ALA A 250 5.62 -20.78 -10.56
C ALA A 250 4.51 -21.81 -10.73
N ASN A 251 4.82 -23.09 -10.60
CA ASN A 251 3.81 -24.15 -10.76
C ASN A 251 3.52 -25.00 -9.51
N THR A 252 4.14 -24.66 -8.38
CA THR A 252 4.23 -25.62 -7.27
C THR A 252 4.36 -24.98 -5.90
N VAL A 253 3.42 -25.28 -5.03
CA VAL A 253 3.43 -24.81 -3.66
C VAL A 253 3.17 -26.01 -2.76
N LYS A 254 3.91 -26.12 -1.66
CA LYS A 254 3.84 -27.30 -0.77
C LYS A 254 3.60 -26.88 0.68
N PHE A 255 2.64 -27.52 1.34
CA PHE A 255 2.19 -27.06 2.65
C PHE A 255 2.62 -27.92 3.84
N TYR A 256 2.95 -27.24 4.93
CA TYR A 256 3.49 -27.90 6.12
C TYR A 256 2.71 -27.52 7.38
N TYR A 257 2.35 -28.54 8.14
CA TYR A 257 1.71 -28.35 9.41
C TYR A 257 2.65 -28.90 10.45
N ASP A 258 2.98 -28.10 11.47
CA ASP A 258 3.94 -28.49 12.50
C ASP A 258 5.24 -29.14 11.95
N GLY A 259 5.72 -28.61 10.81
CA GLY A 259 6.95 -29.06 10.18
C GLY A 259 6.84 -30.31 9.32
N LYS A 260 5.64 -30.85 9.16
CA LYS A 260 5.46 -32.07 8.38
C LYS A 260 4.75 -31.77 7.09
N TYR A 261 5.27 -32.29 5.99
CA TYR A 261 4.62 -32.14 4.68
C TYR A 261 3.17 -32.63 4.72
N MET A 262 2.26 -31.81 4.21
CA MET A 262 0.84 -32.17 4.16
C MET A 262 0.36 -32.54 2.76
N TYR A 263 0.58 -31.67 1.77
CA TYR A 263 0.23 -31.90 0.38
C TYR A 263 0.73 -30.76 -0.50
N THR A 264 0.58 -30.96 -1.80
CA THR A 264 0.98 -30.00 -2.82
C THR A 264 -0.24 -29.42 -3.53
N ILE A 265 -0.13 -28.17 -3.96
CA ILE A 265 -1.06 -27.66 -4.95
C ILE A 265 -0.28 -27.13 -6.14
N LYS A 266 -0.58 -27.65 -7.32
CA LYS A 266 -0.12 -27.04 -8.55
C LYS A 266 -1.19 -26.05 -8.98
N PRO A 267 -0.92 -24.73 -8.89
CA PRO A 267 -1.95 -23.76 -9.28
C PRO A 267 -2.27 -23.91 -10.77
N THR A 268 -3.49 -23.55 -11.14
CA THR A 268 -4.05 -23.89 -12.45
C THR A 268 -3.34 -23.17 -13.60
N THR A 269 -3.10 -23.93 -14.67
CA THR A 269 -2.40 -23.41 -15.85
C THR A 269 -3.40 -22.99 -16.94
N LYS A 270 -4.66 -22.81 -16.53
CA LYS A 270 -5.71 -22.47 -17.48
C LYS A 270 -5.32 -21.26 -18.32
N TYR A 271 -4.84 -20.20 -17.67
CA TYR A 271 -4.59 -18.94 -18.37
C TYR A 271 -3.12 -18.64 -18.66
N THR A 272 -2.21 -19.38 -18.01
CA THR A 272 -0.77 -19.25 -18.22
C THR A 272 -0.05 -20.50 -17.73
N ASP A 273 1.04 -20.87 -18.41
CA ASP A 273 1.86 -22.01 -18.05
C ASP A 273 2.59 -21.78 -16.74
N THR A 274 2.74 -20.50 -16.37
CA THR A 274 3.50 -20.11 -15.18
C THR A 274 2.67 -19.21 -14.25
N PRO A 275 1.56 -19.74 -13.69
CA PRO A 275 0.58 -18.89 -13.00
C PRO A 275 1.10 -18.14 -11.77
N PHE A 276 2.08 -18.70 -11.06
CA PHE A 276 2.63 -18.03 -9.88
C PHE A 276 4.00 -17.40 -10.10
N ASP A 277 4.20 -16.81 -11.28
CA ASP A 277 5.46 -16.17 -11.62
C ASP A 277 5.55 -14.69 -11.16
N ARG A 278 4.67 -14.29 -10.26
CA ARG A 278 4.69 -12.94 -9.74
C ARG A 278 4.82 -12.90 -8.22
N PRO A 279 5.67 -12.00 -7.70
CA PRO A 279 5.84 -11.86 -6.24
C PRO A 279 4.58 -11.33 -5.54
N MET A 280 4.56 -11.42 -4.21
CA MET A 280 3.38 -11.06 -3.41
C MET A 280 3.73 -10.28 -2.15
N PHE A 281 2.70 -9.70 -1.54
CA PHE A 281 2.80 -9.21 -0.15
C PHE A 281 2.20 -10.24 0.81
N ILE A 282 2.57 -10.14 2.09
CA ILE A 282 1.96 -10.96 3.14
C ILE A 282 0.67 -10.28 3.61
N HIS A 283 -0.41 -11.06 3.72
CA HIS A 283 -1.62 -10.61 4.42
C HIS A 283 -1.86 -11.41 5.69
N ILE A 284 -2.18 -10.72 6.78
CA ILE A 284 -2.51 -11.43 8.01
C ILE A 284 -3.87 -10.89 8.45
N VAL A 285 -4.89 -11.73 8.37
CA VAL A 285 -6.27 -11.24 8.35
C VAL A 285 -7.24 -11.99 9.25
N THR A 286 -8.15 -11.22 9.85
CA THR A 286 -9.21 -11.71 10.71
C THR A 286 -10.54 -11.29 10.07
N GLU A 287 -11.34 -12.25 9.60
CA GLU A 287 -12.48 -11.88 8.77
C GLU A 287 -13.73 -12.66 9.05
N THR A 288 -14.79 -12.23 8.41
CA THR A 288 -16.06 -12.88 8.57
C THR A 288 -16.41 -13.50 7.16
N TYR A 289 -17.01 -14.70 7.17
CA TYR A 289 -17.37 -15.44 5.94
C TYR A 289 -18.87 -15.55 5.76
N ASP A 290 -19.34 -15.46 4.50
CA ASP A 290 -20.78 -15.53 4.20
C ASP A 290 -21.37 -16.90 4.52
N TRP A 291 -20.52 -17.92 4.54
CA TRP A 291 -20.98 -19.29 4.80
C TRP A 291 -21.00 -19.61 6.29
N GLU A 292 -20.63 -18.63 7.11
CA GLU A 292 -20.76 -18.75 8.58
C GLU A 292 -21.43 -17.49 9.10
N LYS A 293 -22.76 -17.44 8.96
CA LYS A 293 -23.53 -16.26 9.32
C LYS A 293 -23.75 -16.10 10.82
N GLN A 294 -23.33 -17.06 11.64
CA GLN A 294 -23.35 -16.86 13.09
C GLN A 294 -22.07 -16.19 13.57
N VAL A 295 -21.91 -14.96 13.11
CA VAL A 295 -20.77 -14.11 13.41
C VAL A 295 -20.79 -13.78 14.89
N PRO A 296 -19.62 -13.40 15.45
CA PRO A 296 -19.50 -13.09 16.89
C PRO A 296 -20.50 -12.03 17.36
N THR A 297 -21.18 -12.32 18.48
CA THR A 297 -22.05 -11.33 19.12
C THR A 297 -21.16 -10.55 20.08
N ALA A 298 -21.72 -9.55 20.75
CA ALA A 298 -21.03 -8.85 21.83
C ALA A 298 -20.53 -9.82 22.89
N GLU A 299 -21.41 -10.72 23.32
CA GLU A 299 -21.05 -11.68 24.36
C GLU A 299 -19.97 -12.63 23.91
N ASP A 300 -20.03 -13.04 22.64
CA ASP A 300 -19.01 -13.94 22.07
C ASP A 300 -17.64 -13.29 22.24
N LEU A 301 -17.60 -11.97 22.15
CA LEU A 301 -16.33 -11.23 22.12
C LEU A 301 -15.96 -10.56 23.43
N LYS A 302 -16.68 -10.87 24.49
CA LYS A 302 -16.47 -10.20 25.76
C LYS A 302 -15.12 -10.62 26.39
N ASP A 303 -14.77 -11.89 26.21
CA ASP A 303 -13.49 -12.41 26.66
C ASP A 303 -12.40 -12.00 25.65
N LYS A 304 -11.59 -11.03 26.02
CA LYS A 304 -10.57 -10.49 25.11
C LYS A 304 -9.51 -11.51 24.68
N ASP A 305 -9.04 -12.36 25.61
CA ASP A 305 -8.07 -13.42 25.28
C ASP A 305 -8.64 -14.34 24.23
N LYS A 306 -9.90 -14.74 24.43
CA LYS A 306 -10.59 -15.66 23.55
C LYS A 306 -10.86 -15.05 22.18
N SER A 307 -11.11 -13.75 22.13
CA SER A 307 -11.47 -13.07 20.88
C SER A 307 -10.27 -12.69 20.00
N THR A 308 -9.08 -13.09 20.44
CA THR A 308 -7.83 -12.69 19.81
C THR A 308 -7.18 -13.84 19.04
N THR A 309 -6.67 -13.54 17.85
CA THR A 309 -5.83 -14.48 17.13
C THR A 309 -4.40 -14.11 17.45
N TYR A 310 -3.60 -15.10 17.82
CA TYR A 310 -2.21 -14.85 18.20
C TYR A 310 -1.20 -15.37 17.18
N TYR A 311 -0.26 -14.52 16.81
CA TYR A 311 0.84 -14.96 15.97
C TYR A 311 2.13 -14.77 16.73
N ASP A 312 2.74 -15.88 17.10
CA ASP A 312 4.04 -15.89 17.80
C ASP A 312 5.13 -15.34 16.89
N TRP A 313 5.09 -15.72 15.62
CA TRP A 313 6.03 -15.17 14.67
C TRP A 313 5.57 -15.37 13.25
N VAL A 314 6.17 -14.60 12.36
CA VAL A 314 6.05 -14.83 10.94
C VAL A 314 7.48 -14.95 10.44
N ARG A 315 7.80 -16.03 9.73
CA ARG A 315 9.18 -16.21 9.28
C ARG A 315 9.26 -16.60 7.82
N ALA A 316 10.05 -15.85 7.05
CA ALA A 316 10.21 -16.12 5.62
C ALA A 316 11.66 -16.44 5.25
N TYR A 317 11.82 -17.28 4.23
CA TYR A 317 13.14 -17.69 3.79
C TYR A 317 13.27 -17.66 2.27
N LYS A 318 14.52 -17.52 1.84
CA LYS A 318 14.93 -17.57 0.44
C LYS A 318 15.95 -18.67 0.23
N LEU A 319 15.92 -19.29 -0.95
CA LEU A 319 16.99 -20.18 -1.33
C LEU A 319 18.11 -19.41 -2.04
N VAL A 320 19.33 -19.73 -1.63
CA VAL A 320 20.52 -19.10 -2.16
C VAL A 320 21.55 -20.22 -2.46
N PRO A 321 22.38 -20.06 -3.52
CA PRO A 321 23.43 -21.07 -3.74
C PRO A 321 24.44 -21.05 -2.59
N ILE A 322 24.84 -22.23 -2.13
CA ILE A 322 25.79 -22.35 -1.02
C ILE A 322 27.07 -21.55 -1.27
N GLU A 323 27.73 -21.84 -2.41
CA GLU A 323 28.95 -21.14 -2.81
C GLU A 323 28.76 -20.45 -4.16
N GLU B 28 25.44 3.47 -6.68
CA GLU B 28 24.11 3.68 -7.34
C GLU B 28 23.47 4.99 -6.85
N TYR B 29 24.05 5.56 -5.79
CA TYR B 29 23.54 6.77 -5.17
C TYR B 29 24.52 7.95 -5.21
N SER B 30 25.50 7.87 -6.10
CA SER B 30 26.54 8.89 -6.15
C SER B 30 26.05 10.22 -6.74
N LEU B 31 25.14 10.17 -7.72
CA LEU B 31 24.47 11.39 -8.20
C LEU B 31 23.77 12.18 -7.07
N ALA B 32 23.06 11.46 -6.21
CA ALA B 32 22.40 12.06 -5.04
C ALA B 32 23.39 12.65 -4.06
N GLU B 33 24.55 12.01 -3.93
CA GLU B 33 25.60 12.49 -3.02
C GLU B 33 26.22 13.78 -3.56
N GLU B 34 26.52 13.81 -4.86
CA GLU B 34 27.05 15.01 -5.51
C GLU B 34 26.10 16.16 -5.31
N HIS B 35 24.80 15.87 -5.31
CA HIS B 35 23.77 16.88 -5.19
C HIS B 35 23.74 17.58 -3.83
N ILE B 36 24.30 16.99 -2.78
CA ILE B 36 24.37 17.66 -1.46
C ILE B 36 24.89 19.11 -1.52
N LYS B 37 25.91 19.34 -2.37
CA LYS B 37 26.42 20.67 -2.76
C LYS B 37 25.34 21.74 -2.85
N ASN B 38 24.21 21.34 -3.40
CA ASN B 38 23.15 22.27 -3.72
C ASN B 38 22.16 22.50 -2.59
N LEU B 39 22.16 21.62 -1.59
CA LEU B 39 21.20 21.70 -0.49
C LEU B 39 21.45 22.91 0.39
N PRO B 40 20.39 23.40 1.07
CA PRO B 40 20.71 24.40 2.06
C PRO B 40 21.71 23.77 3.03
N GLU B 41 22.60 24.59 3.56
CA GLU B 41 23.69 24.05 4.37
C GLU B 41 23.20 23.37 5.64
N ALA B 42 23.84 22.26 5.96
CA ALA B 42 23.47 21.47 7.13
C ALA B 42 23.75 22.25 8.40
N PRO B 43 22.87 22.13 9.41
CA PRO B 43 23.16 22.83 10.67
C PRO B 43 24.50 22.38 11.26
N GLU B 44 25.12 23.28 12.02
CA GLU B 44 26.39 23.01 12.69
C GLU B 44 26.37 21.68 13.44
N GLY B 45 27.34 20.83 13.12
CA GLY B 45 27.49 19.54 13.80
C GLY B 45 26.75 18.42 13.10
N TYR B 46 26.06 18.77 12.03
CA TYR B 46 25.27 17.79 11.28
C TYR B 46 25.70 17.75 9.82
N LYS B 47 25.40 16.63 9.16
CA LYS B 47 25.61 16.49 7.72
C LYS B 47 24.39 15.87 7.06
N TRP B 48 24.19 16.23 5.80
CA TRP B 48 23.17 15.58 4.98
C TRP B 48 23.71 14.22 4.53
N VAL B 49 22.81 13.24 4.53
CA VAL B 49 23.12 11.88 4.12
C VAL B 49 21.97 11.39 3.24
N VAL B 50 22.29 10.65 2.18
CA VAL B 50 21.26 10.14 1.29
C VAL B 50 20.33 9.15 2.02
N ASN B 51 19.03 9.42 1.98
CA ASN B 51 18.00 8.48 2.37
C ASN B 51 17.63 7.65 1.14
N GLU B 52 18.06 6.39 1.13
CA GLU B 52 17.93 5.55 -0.06
C GLU B 52 16.50 5.09 -0.33
N ASP B 53 15.71 5.00 0.73
CA ASP B 53 14.34 4.47 0.63
C ASP B 53 13.42 5.35 -0.22
N TYR B 54 13.80 6.61 -0.40
CA TYR B 54 12.97 7.58 -1.13
C TYR B 54 13.78 8.28 -2.22
N THR B 55 14.89 7.65 -2.61
CA THR B 55 15.77 8.20 -3.64
C THR B 55 15.78 7.32 -4.88
N ASP B 56 15.56 7.94 -6.03
CA ASP B 56 15.60 7.23 -7.29
C ASP B 56 15.95 8.16 -8.46
N GLU B 57 16.99 7.79 -9.21
CA GLU B 57 17.43 8.53 -10.39
C GLU B 57 16.69 8.10 -11.64
N PHE B 58 15.86 7.06 -11.52
CA PHE B 58 15.13 6.46 -12.64
C PHE B 58 15.99 6.29 -13.91
N ASN B 59 17.16 5.67 -13.75
CA ASN B 59 18.11 5.46 -14.85
C ASN B 59 18.26 3.99 -15.26
N GLY B 60 17.47 3.11 -14.66
CA GLY B 60 17.41 1.71 -15.06
C GLY B 60 16.48 1.51 -16.25
N LYS B 61 15.96 0.30 -16.40
CA LYS B 61 15.10 -0.01 -17.55
C LYS B 61 13.62 -0.07 -17.18
N ARG B 62 13.34 -0.09 -15.89
CA ARG B 62 11.96 -0.10 -15.39
C ARG B 62 11.86 0.48 -13.96
N LEU B 63 10.64 0.77 -13.54
CA LEU B 63 10.37 1.22 -12.17
C LEU B 63 10.80 0.15 -11.19
N ASN B 64 11.54 0.57 -10.17
CA ASN B 64 11.98 -0.34 -9.15
C ASN B 64 10.80 -0.65 -8.20
N ALA B 65 10.10 -1.74 -8.50
CA ALA B 65 8.90 -2.11 -7.77
C ALA B 65 9.15 -2.49 -6.30
N ALA B 66 10.43 -2.65 -5.92
CA ALA B 66 10.82 -2.81 -4.52
C ALA B 66 10.66 -1.48 -3.77
N LYS B 67 10.81 -0.37 -4.50
CA LYS B 67 10.78 0.96 -3.94
C LYS B 67 9.45 1.70 -4.20
N TRP B 68 8.81 1.41 -5.33
CA TRP B 68 7.63 2.18 -5.73
C TRP B 68 6.43 1.34 -6.08
N HIS B 69 5.26 1.87 -5.74
CA HIS B 69 4.01 1.35 -6.23
C HIS B 69 3.70 2.13 -7.49
N ALA B 70 3.71 1.43 -8.63
CA ALA B 70 3.38 2.04 -9.92
C ALA B 70 1.96 2.60 -9.91
N LYS B 71 1.09 1.97 -9.13
CA LYS B 71 -0.27 2.43 -8.92
C LYS B 71 -0.47 2.52 -7.41
N SER B 72 -0.52 3.74 -6.90
CA SER B 72 -0.68 3.97 -5.47
C SER B 72 -1.86 3.21 -4.86
N PRO B 73 -1.59 2.50 -3.75
CA PRO B 73 -2.66 1.85 -3.00
C PRO B 73 -3.37 2.82 -2.04
N TYR B 74 -2.93 4.07 -1.97
CA TYR B 74 -3.49 5.05 -1.04
C TYR B 74 -4.54 6.00 -1.68
N TRP B 75 -4.39 6.28 -2.97
CA TRP B 75 -5.35 7.10 -3.69
C TRP B 75 -5.76 6.35 -4.97
N THR B 76 -6.70 5.42 -4.80
CA THR B 76 -7.12 4.44 -5.79
C THR B 76 -7.96 5.04 -6.89
N ASN B 77 -8.75 6.03 -6.53
CA ASN B 77 -9.71 6.64 -7.43
C ASN B 77 -9.48 8.14 -7.48
N GLY B 78 -8.99 8.62 -8.61
CA GLY B 78 -8.70 10.04 -8.77
C GLY B 78 -9.90 10.95 -8.75
N ARG B 79 -9.63 12.25 -8.77
CA ARG B 79 -10.67 13.24 -8.84
C ARG B 79 -11.26 13.14 -10.25
N PRO B 80 -12.58 12.92 -10.34
CA PRO B 80 -13.22 12.80 -11.66
C PRO B 80 -13.06 14.09 -12.46
N PRO B 81 -12.93 13.99 -13.79
CA PRO B 81 -13.06 12.78 -14.62
C PRO B 81 -11.78 11.96 -14.88
N ALA B 82 -10.73 12.13 -14.06
CA ALA B 82 -9.48 11.37 -14.28
C ALA B 82 -9.14 10.46 -13.12
N THR B 83 -8.76 9.23 -13.42
CA THR B 83 -8.25 8.37 -12.37
C THR B 83 -6.77 8.03 -12.62
N PHE B 84 -6.27 7.00 -11.94
CA PHE B 84 -4.87 6.60 -12.06
C PHE B 84 -4.73 5.16 -12.49
N LYS B 85 -3.80 4.89 -13.41
CA LYS B 85 -3.55 3.51 -13.85
C LYS B 85 -2.06 3.24 -13.82
N ALA B 86 -1.66 2.02 -13.51
CA ALA B 86 -0.24 1.63 -13.55
C ALA B 86 0.41 1.79 -14.93
N GLU B 87 -0.36 1.54 -15.99
CA GLU B 87 0.11 1.54 -17.37
C GLU B 87 0.63 2.92 -17.79
N ASN B 88 0.08 3.97 -17.18
CA ASN B 88 0.50 5.33 -17.48
C ASN B 88 1.83 5.69 -16.87
N VAL B 89 2.44 4.72 -16.21
CA VAL B 89 3.66 4.94 -15.48
C VAL B 89 4.78 4.07 -16.00
N SER B 90 5.88 4.70 -16.37
CA SER B 90 7.03 4.01 -16.94
C SER B 90 8.31 4.75 -16.61
N VAL B 91 9.44 4.09 -16.86
CA VAL B 91 10.77 4.66 -16.71
C VAL B 91 11.55 4.45 -18.00
N LYS B 92 11.89 5.53 -18.67
CA LYS B 92 12.69 5.49 -19.87
C LYS B 92 13.52 6.76 -20.00
N LYS B 93 14.71 6.59 -20.58
CA LYS B 93 15.60 7.70 -20.96
C LYS B 93 15.96 8.63 -19.79
N GLY B 94 16.11 8.05 -18.60
CA GLY B 94 16.54 8.80 -17.42
C GLY B 94 15.42 9.38 -16.59
N CYS B 95 14.18 9.22 -17.05
CA CYS B 95 13.02 9.81 -16.39
C CYS B 95 11.96 8.81 -15.96
N LEU B 96 11.35 9.09 -14.82
CA LEU B 96 10.05 8.54 -14.52
C LEU B 96 9.10 9.33 -15.38
N ARG B 97 8.24 8.61 -16.08
CA ARG B 97 7.27 9.20 -17.01
C ARG B 97 5.88 8.84 -16.53
N ILE B 98 5.09 9.86 -16.27
CA ILE B 98 3.67 9.67 -16.00
C ILE B 98 2.93 10.36 -17.12
N ILE B 99 2.23 9.56 -17.93
CA ILE B 99 1.52 10.03 -19.09
C ILE B 99 0.01 10.08 -18.85
N ASN B 100 -0.65 11.11 -19.38
CA ASN B 100 -2.10 11.22 -19.31
C ASN B 100 -2.70 10.76 -20.63
N THR B 101 -3.71 9.90 -20.55
CA THR B 101 -4.35 9.34 -21.74
C THR B 101 -5.86 9.36 -21.59
N VAL B 102 -6.56 9.12 -22.70
CA VAL B 102 -8.00 8.91 -22.66
C VAL B 102 -8.21 7.53 -22.07
N LEU B 103 -9.16 7.42 -21.15
CA LEU B 103 -9.49 6.12 -20.59
C LEU B 103 -10.66 5.50 -21.34
N SER B 104 -10.38 4.40 -22.04
CA SER B 104 -11.44 3.67 -22.75
C SER B 104 -11.26 2.17 -22.60
N PRO B 105 -12.31 1.46 -22.16
CA PRO B 105 -13.64 1.98 -21.86
C PRO B 105 -13.66 2.91 -20.67
N THR B 106 -14.72 3.72 -20.63
CA THR B 106 -15.06 4.56 -19.52
C THR B 106 -15.30 3.72 -18.23
N GLU B 107 -15.01 4.28 -17.05
CA GLU B 107 -15.09 3.51 -15.80
C GLU B 107 -15.82 4.23 -14.66
N GLY B 108 -16.26 3.43 -13.69
CA GLY B 108 -16.77 3.92 -12.40
C GLY B 108 -15.65 3.78 -11.39
N LEU B 109 -15.99 3.59 -10.12
CA LEU B 109 -14.96 3.39 -9.09
C LEU B 109 -14.30 2.02 -9.24
N ASP B 110 -13.00 1.95 -8.91
CA ASP B 110 -12.24 0.70 -8.81
C ASP B 110 -12.23 -0.17 -10.08
N GLY B 111 -12.16 0.48 -11.23
CA GLY B 111 -12.04 -0.22 -12.51
C GLY B 111 -13.32 -0.94 -12.95
N LYS B 112 -14.45 -0.59 -12.33
CA LYS B 112 -15.75 -1.15 -12.69
C LYS B 112 -16.33 -0.37 -13.84
N PRO B 113 -17.29 -0.97 -14.59
CA PRO B 113 -17.98 -0.22 -15.64
C PRO B 113 -18.68 0.99 -15.04
N GLY B 114 -18.69 2.09 -15.79
CA GLY B 114 -19.21 3.38 -15.30
C GLY B 114 -18.83 4.49 -16.27
N ASP B 115 -19.16 5.73 -15.94
CA ASP B 115 -18.81 6.88 -16.77
C ASP B 115 -18.21 8.04 -15.97
N LYS B 116 -17.81 7.73 -14.75
CA LYS B 116 -17.18 8.74 -13.90
C LYS B 116 -15.78 9.14 -14.42
N TYR B 117 -15.04 8.18 -14.96
CA TYR B 117 -13.70 8.43 -15.48
C TYR B 117 -13.58 8.20 -16.99
N ARG B 118 -13.10 9.22 -17.70
CA ARG B 118 -12.81 9.11 -19.15
C ARG B 118 -11.37 9.49 -19.43
N LEU B 119 -10.61 9.79 -18.37
CA LEU B 119 -9.19 10.10 -18.49
C LEU B 119 -8.38 9.27 -17.52
N ALA B 120 -7.14 8.96 -17.88
CA ALA B 120 -6.23 8.27 -16.98
C ALA B 120 -4.94 9.05 -16.79
N GLY B 121 -4.58 9.24 -15.54
CA GLY B 121 -3.28 9.80 -15.18
C GLY B 121 -2.51 8.72 -14.45
N GLY B 122 -1.50 9.12 -13.69
CA GLY B 122 -0.76 8.19 -12.84
C GLY B 122 -0.62 8.66 -11.41
N ALA B 123 -0.56 7.71 -10.49
CA ALA B 123 -0.26 7.99 -9.10
C ALA B 123 0.74 6.97 -8.63
N VAL B 124 1.95 7.45 -8.35
CA VAL B 124 3.01 6.64 -7.81
C VAL B 124 3.16 6.90 -6.31
N ALA B 125 3.25 5.83 -5.52
CA ALA B 125 3.60 5.94 -4.11
C ALA B 125 4.92 5.21 -3.80
N SER B 126 5.72 5.76 -2.87
CA SER B 126 6.83 4.97 -2.32
C SER B 126 6.26 3.80 -1.54
N VAL B 127 6.97 2.67 -1.58
CA VAL B 127 6.59 1.46 -0.85
C VAL B 127 6.68 1.70 0.66
N LYS B 128 7.75 2.37 1.09
CA LYS B 128 7.95 2.69 2.49
C LYS B 128 7.27 4.01 2.85
N ASN B 129 6.94 4.15 4.12
CA ASN B 129 6.15 5.26 4.60
C ASN B 129 6.76 5.87 5.86
N GLN B 130 8.08 5.87 5.93
CA GLN B 130 8.77 6.42 7.11
C GLN B 130 9.67 7.64 6.77
N ALA B 131 9.37 8.32 5.67
CA ALA B 131 10.03 9.59 5.37
C ALA B 131 9.64 10.59 6.45
N HIS B 132 10.64 11.13 7.16
CA HIS B 132 10.33 12.16 8.12
C HIS B 132 11.17 13.42 7.92
N TYR B 133 11.52 14.12 8.99
CA TYR B 133 12.37 15.31 8.88
C TYR B 133 13.60 15.04 8.03
N GLY B 134 13.91 16.00 7.16
CA GLY B 134 14.97 15.84 6.18
C GLY B 134 14.69 16.71 4.98
N TYR B 135 15.24 16.32 3.83
CA TYR B 135 15.10 17.08 2.61
C TYR B 135 14.55 16.21 1.47
N TYR B 136 13.58 16.75 0.72
CA TYR B 136 12.93 16.02 -0.38
C TYR B 136 12.83 16.90 -1.59
N GLU B 137 13.30 16.40 -2.74
CA GLU B 137 13.41 17.19 -3.97
C GLU B 137 13.23 16.34 -5.23
N THR B 138 12.66 16.93 -6.27
CA THR B 138 12.50 16.30 -7.56
C THR B 138 12.91 17.28 -8.65
N ARG B 139 13.55 16.77 -9.71
CA ARG B 139 13.75 17.56 -10.93
C ARG B 139 12.61 17.17 -11.84
N MET B 140 11.72 18.11 -12.14
CA MET B 140 10.48 17.79 -12.84
C MET B 140 10.19 18.70 -14.03
N LYS B 141 9.73 18.09 -15.12
CA LYS B 141 9.14 18.84 -16.25
C LYS B 141 7.64 18.54 -16.40
N ALA B 142 6.81 19.55 -16.18
CA ALA B 142 5.35 19.38 -16.23
C ALA B 142 4.84 19.07 -17.64
N SER B 143 3.76 18.30 -17.72
CA SER B 143 3.11 18.01 -18.99
C SER B 143 2.47 19.28 -19.50
N LEU B 144 2.54 19.51 -20.81
CA LEU B 144 1.86 20.64 -21.45
C LEU B 144 0.37 20.30 -21.55
N THR B 145 -0.32 20.43 -20.42
CA THR B 145 -1.61 19.81 -20.22
C THR B 145 -2.33 20.53 -19.08
N THR B 146 -3.65 20.45 -19.07
CA THR B 146 -4.41 20.98 -17.93
C THR B 146 -4.57 19.95 -16.81
N MET B 147 -3.73 18.92 -16.79
CA MET B 147 -3.67 18.01 -15.65
C MET B 147 -2.42 18.36 -14.84
N SER B 148 -2.45 18.02 -13.56
CA SER B 148 -1.41 18.43 -12.61
C SER B 148 -0.12 17.68 -12.81
N SER B 149 0.98 18.32 -12.43
CA SER B 149 2.24 17.63 -12.27
C SER B 149 2.65 17.85 -10.82
N THR B 150 2.71 16.78 -10.04
CA THR B 150 2.89 16.97 -8.60
C THR B 150 4.05 16.18 -7.97
N PHE B 151 4.47 16.64 -6.79
CA PHE B 151 5.45 15.94 -5.95
C PHE B 151 5.18 16.34 -4.52
N TRP B 152 4.90 15.35 -3.68
CA TRP B 152 4.42 15.59 -2.33
C TRP B 152 4.55 14.39 -1.39
N LEU B 153 4.29 14.62 -0.12
CA LEU B 153 4.30 13.55 0.88
C LEU B 153 2.95 13.51 1.57
N SER B 154 2.63 12.37 2.16
CA SER B 154 1.32 12.20 2.80
C SER B 154 1.34 11.01 3.72
N ASN B 155 0.39 10.98 4.66
CA ASN B 155 0.19 9.78 5.44
C ASN B 155 -1.27 9.39 5.53
N ARG B 156 -1.54 8.30 6.24
CA ARG B 156 -2.88 7.80 6.38
C ARG B 156 -3.52 8.24 7.71
N PRO B 157 -4.85 8.33 7.72
CA PRO B 157 -5.60 8.75 8.89
C PRO B 157 -5.28 7.89 10.12
N VAL B 158 -5.19 8.56 11.25
CA VAL B 158 -5.01 7.92 12.53
C VAL B 158 -6.18 8.35 13.41
N MET B 159 -6.75 7.40 14.13
CA MET B 159 -7.93 7.67 14.95
C MET B 159 -7.55 8.09 16.36
N LYS B 160 -8.27 9.06 16.90
CA LYS B 160 -8.09 9.51 18.28
C LYS B 160 -9.43 9.68 18.98
N GLU B 161 -9.51 9.22 20.23
CA GLU B 161 -10.72 9.28 21.04
C GLU B 161 -10.90 10.64 21.72
N ILE B 162 -12.02 11.30 21.45
CA ILE B 162 -12.32 12.63 21.99
C ILE B 162 -13.32 12.56 23.16
N MET B 163 -13.58 13.69 23.82
CA MET B 163 -14.72 13.80 24.75
C MET B 163 -15.46 15.13 24.55
N LYS B 168 -17.61 10.77 24.35
CA LYS B 168 -16.64 10.07 23.51
C LYS B 168 -17.09 9.93 22.06
N ILE B 169 -16.40 10.62 21.15
CA ILE B 169 -16.63 10.46 19.71
C ILE B 169 -15.29 10.18 19.02
N LYS B 170 -15.36 9.57 17.83
CA LYS B 170 -14.16 9.20 17.06
C LYS B 170 -13.71 10.33 16.14
N THR B 171 -12.39 10.56 16.09
CA THR B 171 -11.79 11.56 15.22
C THR B 171 -10.60 11.02 14.43
N TRP B 172 -10.37 11.59 13.26
CA TRP B 172 -9.23 11.23 12.44
C TRP B 172 -8.43 12.45 12.02
N SER B 173 -7.11 12.28 11.99
CA SER B 173 -6.22 13.27 11.45
C SER B 173 -5.15 12.62 10.58
N SER B 174 -4.65 13.41 9.63
CA SER B 174 -3.53 13.04 8.78
C SER B 174 -2.91 14.32 8.24
N GLN B 175 -1.68 14.22 7.74
CA GLN B 175 -0.92 15.36 7.24
C GLN B 175 -0.51 15.16 5.79
N GLU B 176 -0.45 16.26 5.05
CA GLU B 176 -0.15 16.23 3.63
C GLU B 176 0.81 17.37 3.36
N LEU B 177 1.94 17.06 2.72
CA LEU B 177 2.96 18.06 2.46
C LEU B 177 3.16 18.20 0.94
N ASP B 178 2.66 19.30 0.39
CA ASP B 178 2.72 19.57 -1.05
C ASP B 178 4.00 20.35 -1.41
N ILE B 179 4.96 19.66 -2.03
CA ILE B 179 6.16 20.33 -2.44
C ILE B 179 5.91 21.13 -3.71
N ILE B 180 5.26 20.52 -4.69
CA ILE B 180 4.88 21.26 -5.89
C ILE B 180 3.59 20.76 -6.53
N GLU B 181 2.68 21.71 -6.79
CA GLU B 181 1.56 21.51 -7.66
C GLU B 181 1.70 22.47 -8.84
N THR B 182 1.38 22.02 -10.05
CA THR B 182 1.44 22.90 -11.20
C THR B 182 0.69 22.24 -12.34
N MET B 183 0.52 22.95 -13.44
CA MET B 183 0.10 22.36 -14.72
C MET B 183 0.76 23.16 -15.84
N GLY B 184 0.94 22.53 -17.00
CA GLY B 184 1.60 23.20 -18.14
C GLY B 184 0.77 24.30 -18.79
N ILE B 185 -0.54 24.12 -18.83
CA ILE B 185 -1.41 25.05 -19.52
C ILE B 185 -2.48 25.49 -18.55
N ILE B 186 -2.80 26.78 -18.61
CA ILE B 186 -3.88 27.37 -17.85
C ILE B 186 -4.99 27.72 -18.84
N ARG B 187 -6.22 27.33 -18.50
CA ARG B 187 -7.36 27.50 -19.41
C ARG B 187 -8.52 28.26 -18.80
N SER B 188 -9.02 27.79 -17.65
CA SER B 188 -10.19 28.38 -17.03
C SER B 188 -9.85 29.47 -16.00
N VAL B 189 -9.74 30.70 -16.48
CA VAL B 189 -9.46 31.85 -15.64
C VAL B 189 -10.72 32.70 -15.44
N ASN B 190 -11.21 32.72 -14.21
CA ASN B 190 -12.38 33.51 -13.85
C ASN B 190 -12.06 35.01 -13.80
N PRO B 191 -12.65 35.80 -14.73
CA PRO B 191 -12.33 37.23 -14.78
C PRO B 191 -12.55 37.94 -13.45
N ASP B 192 -13.50 37.45 -12.65
CA ASP B 192 -13.82 38.02 -11.34
C ASP B 192 -12.88 37.53 -10.24
N ASN B 193 -12.21 36.41 -10.49
CA ASN B 193 -11.22 35.86 -9.56
C ASN B 193 -10.10 35.11 -10.29
N PRO B 194 -9.19 35.84 -10.94
CA PRO B 194 -8.17 35.25 -11.80
C PRO B 194 -6.95 34.73 -11.03
N TRP B 195 -7.20 34.08 -9.91
CA TRP B 195 -6.16 33.59 -9.02
C TRP B 195 -5.16 32.61 -9.67
N ASN B 196 -5.63 31.84 -10.66
CA ASN B 196 -4.80 30.84 -11.32
C ASN B 196 -4.24 31.32 -12.66
N LYS B 197 -4.27 32.63 -12.91
CA LYS B 197 -3.86 33.18 -14.21
C LYS B 197 -2.50 32.62 -14.66
N THR B 198 -1.49 32.73 -13.80
CA THR B 198 -0.14 32.19 -14.07
C THR B 198 0.27 31.14 -13.03
N TRP B 199 -0.66 30.25 -12.69
CA TRP B 199 -0.42 29.18 -11.73
C TRP B 199 0.75 28.27 -12.12
N ASN B 200 1.02 28.17 -13.42
CA ASN B 200 2.14 27.41 -13.97
C ASN B 200 3.50 28.09 -13.80
N MET B 201 3.50 29.31 -13.27
CA MET B 201 4.72 30.10 -13.02
C MET B 201 4.83 30.51 -11.55
N GLN B 202 4.23 29.70 -10.68
CA GLN B 202 4.29 29.98 -9.26
C GLN B 202 4.73 28.72 -8.51
N MET B 203 5.43 28.93 -7.41
CA MET B 203 5.81 27.83 -6.56
C MET B 203 4.65 27.55 -5.62
N ASN B 204 3.77 26.67 -6.07
CA ASN B 204 2.60 26.28 -5.32
C ASN B 204 2.95 25.12 -4.39
N SER B 205 3.25 25.47 -3.13
CA SER B 205 3.54 24.47 -2.10
C SER B 205 2.49 24.63 -1.03
N ASN B 206 2.35 23.65 -0.16
CA ASN B 206 1.29 23.70 0.85
C ASN B 206 1.48 22.68 1.96
N THR B 207 0.75 22.87 3.04
CA THR B 207 0.68 21.92 4.13
C THR B 207 -0.80 21.79 4.44
N HIS B 208 -1.20 20.58 4.82
CA HIS B 208 -2.57 20.28 5.20
C HIS B 208 -2.54 19.43 6.47
N TYR B 209 -3.21 19.90 7.50
CA TYR B 209 -3.51 19.07 8.64
C TYR B 209 -5.00 18.74 8.53
N TRP B 210 -5.31 17.49 8.19
CA TRP B 210 -6.68 17.05 8.05
C TRP B 210 -7.26 16.61 9.39
N TYR B 211 -8.52 16.96 9.62
CA TYR B 211 -9.22 16.62 10.86
C TYR B 211 -10.69 16.39 10.61
N GLN B 212 -11.21 15.31 11.19
CA GLN B 212 -12.58 14.89 10.95
C GLN B 212 -13.10 14.16 12.17
N GLU B 213 -14.27 14.59 12.64
CA GLU B 213 -14.97 13.92 13.70
C GLU B 213 -15.91 12.95 13.01
N GLN B 214 -16.32 11.88 13.68
CA GLN B 214 -17.10 10.84 13.01
C GLN B 214 -18.43 11.38 12.48
N GLY B 215 -18.72 11.06 11.22
CA GLY B 215 -19.88 11.60 10.56
C GLY B 215 -19.58 12.89 9.81
N GLY B 216 -19.03 13.87 10.52
CA GLY B 216 -18.88 15.26 10.02
C GLY B 216 -17.97 15.52 8.84
N LYS B 217 -17.84 16.80 8.47
CA LYS B 217 -17.00 17.20 7.33
C LYS B 217 -15.50 16.99 7.61
N ARG B 218 -14.76 16.62 6.57
CA ARG B 218 -13.32 16.48 6.65
C ARG B 218 -12.72 17.88 6.47
N THR B 219 -12.19 18.46 7.54
CA THR B 219 -11.65 19.82 7.49
C THR B 219 -10.20 19.85 6.99
N ASP B 220 -9.98 20.67 5.97
CA ASP B 220 -8.66 20.94 5.41
C ASP B 220 -8.05 22.13 6.12
N ASN B 221 -7.02 21.89 6.93
CA ASN B 221 -6.43 22.96 7.72
C ASN B 221 -5.08 23.44 7.23
N THR B 222 -5.12 24.66 6.71
CA THR B 222 -4.03 25.30 5.99
C THR B 222 -3.32 26.27 6.93
N ALA B 223 -2.09 26.65 6.57
CA ALA B 223 -1.40 27.72 7.28
C ALA B 223 -0.77 28.69 6.29
N LYS B 224 -0.60 29.93 6.72
CA LYS B 224 -0.08 31.02 5.87
C LYS B 224 1.43 30.87 5.60
N ARG B 225 1.86 31.32 4.41
CA ARG B 225 3.28 31.37 4.08
C ARG B 225 3.99 32.47 4.89
N SER B 226 5.25 32.23 5.24
CA SER B 226 6.01 33.16 6.06
C SER B 226 7.48 33.24 5.64
N ASP B 227 8.17 34.32 6.06
CA ASP B 227 9.58 34.54 5.72
C ASP B 227 9.79 34.43 4.20
N VAL B 228 8.92 35.12 3.48
CA VAL B 228 8.78 34.97 2.04
C VAL B 228 9.83 35.76 1.28
N VAL B 229 10.46 35.10 0.32
CA VAL B 229 11.34 35.79 -0.61
C VAL B 229 10.59 35.96 -1.93
N SER B 230 10.02 34.86 -2.44
CA SER B 230 9.30 34.86 -3.72
C SER B 230 8.35 33.67 -3.98
N TYR B 231 7.33 33.90 -4.79
CA TYR B 231 6.47 32.84 -5.31
C TYR B 231 6.79 32.57 -6.78
N MET B 232 7.73 33.32 -7.36
CA MET B 232 7.94 33.36 -8.81
C MET B 232 8.73 32.18 -9.35
N THR B 233 8.17 31.50 -10.34
CA THR B 233 8.88 30.41 -11.02
C THR B 233 8.72 30.51 -12.53
N ASP B 234 9.32 29.57 -13.25
CA ASP B 234 9.25 29.54 -14.69
C ASP B 234 8.17 28.61 -15.20
N PRO B 235 7.62 28.90 -16.39
CA PRO B 235 6.65 27.98 -16.99
C PRO B 235 7.06 26.52 -16.80
N SER B 236 6.25 25.78 -16.06
CA SER B 236 6.62 24.44 -15.56
C SER B 236 6.75 23.35 -16.64
N ALA B 237 6.02 23.52 -17.73
CA ALA B 237 6.07 22.61 -18.87
C ALA B 237 7.25 22.90 -19.79
N GLU B 238 7.82 24.09 -19.69
CA GLU B 238 8.86 24.50 -20.64
C GLU B 238 10.24 23.90 -20.36
N ASP B 239 10.51 23.50 -19.13
CA ASP B 239 11.81 22.88 -18.83
C ASP B 239 11.74 22.13 -17.52
N PHE B 240 12.82 21.40 -17.21
CA PHE B 240 12.97 20.77 -15.92
C PHE B 240 13.40 21.83 -14.94
N HIS B 241 12.81 21.76 -13.76
CA HIS B 241 13.19 22.60 -12.67
C HIS B 241 13.21 21.73 -11.45
N THR B 242 13.98 22.17 -10.48
CA THR B 242 14.14 21.51 -9.21
C THR B 242 13.13 22.06 -8.18
N TYR B 243 12.33 21.17 -7.60
CA TYR B 243 11.37 21.58 -6.55
C TYR B 243 11.61 20.74 -5.32
N GLY B 244 11.94 21.40 -4.22
CA GLY B 244 12.35 20.69 -3.04
C GLY B 244 11.83 21.30 -1.76
N CYS B 245 12.01 20.57 -0.67
CA CYS B 245 11.65 21.10 0.61
C CYS B 245 12.52 20.52 1.70
N TRP B 246 12.90 21.40 2.64
CA TRP B 246 13.50 21.00 3.89
C TRP B 246 12.38 20.87 4.92
N TRP B 247 12.04 19.64 5.29
CA TRP B 247 11.07 19.40 6.35
C TRP B 247 11.87 19.37 7.65
N VAL B 248 11.84 20.50 8.36
CA VAL B 248 12.80 20.77 9.43
C VAL B 248 12.44 20.03 10.70
N ASP B 249 11.17 20.15 11.07
CA ASP B 249 10.65 19.55 12.29
C ASP B 249 9.14 19.55 12.17
N ALA B 250 8.45 19.30 13.28
CA ALA B 250 7.00 19.15 13.26
C ALA B 250 6.23 20.46 13.05
N ASN B 251 6.93 21.60 13.08
CA ASN B 251 6.31 22.92 12.94
C ASN B 251 6.82 23.70 11.73
N THR B 252 7.78 23.17 11.00
CA THR B 252 8.50 23.98 10.01
C THR B 252 8.88 23.22 8.74
N VAL B 253 8.47 23.75 7.59
CA VAL B 253 8.95 23.29 6.28
C VAL B 253 9.38 24.50 5.46
N LYS B 254 10.50 24.36 4.76
CA LYS B 254 10.96 25.40 3.85
C LYS B 254 10.95 24.88 2.42
N PHE B 255 10.63 25.75 1.47
CA PHE B 255 10.54 25.34 0.09
C PHE B 255 11.57 26.02 -0.78
N TYR B 256 12.08 25.27 -1.75
CA TYR B 256 13.23 25.64 -2.57
C TYR B 256 12.95 25.38 -4.03
N TYR B 257 13.21 26.38 -4.86
CA TYR B 257 12.98 26.30 -6.29
C TYR B 257 14.29 26.49 -7.02
N ASP B 258 14.69 25.52 -7.84
CA ASP B 258 16.01 25.56 -8.52
C ASP B 258 17.18 25.86 -7.57
N GLY B 259 17.09 25.34 -6.33
CA GLY B 259 18.11 25.57 -5.31
C GLY B 259 17.93 26.86 -4.51
N LYS B 260 16.90 27.65 -4.87
CA LYS B 260 16.70 28.96 -4.25
C LYS B 260 15.66 28.87 -3.16
N TYR B 261 16.01 29.39 -1.98
CA TYR B 261 15.05 29.43 -0.89
C TYR B 261 13.87 30.34 -1.28
N MET B 262 12.66 29.81 -1.18
CA MET B 262 11.49 30.55 -1.65
C MET B 262 10.69 31.13 -0.50
N TYR B 263 10.34 30.27 0.47
CA TYR B 263 9.59 30.65 1.65
C TYR B 263 9.39 29.45 2.63
N THR B 264 8.80 29.73 3.78
CA THR B 264 8.50 28.75 4.80
C THR B 264 7.00 28.61 4.99
N ILE B 265 6.56 27.41 5.38
CA ILE B 265 5.25 27.23 5.99
C ILE B 265 5.36 26.58 7.37
N LYS B 266 4.70 27.18 8.35
CA LYS B 266 4.51 26.55 9.66
C LYS B 266 3.13 25.93 9.67
N PRO B 267 3.02 24.60 9.53
CA PRO B 267 1.67 24.01 9.52
C PRO B 267 0.89 24.39 10.77
N THR B 268 -0.44 24.46 10.66
CA THR B 268 -1.30 24.95 11.72
C THR B 268 -1.22 24.13 13.00
N THR B 269 -1.15 24.84 14.12
CA THR B 269 -1.11 24.18 15.42
C THR B 269 -2.51 24.11 16.03
N LYS B 270 -3.54 24.29 15.20
CA LYS B 270 -4.91 24.32 15.68
C LYS B 270 -5.30 23.09 16.49
N TYR B 271 -4.87 21.90 16.05
CA TYR B 271 -5.28 20.65 16.68
C TYR B 271 -4.19 19.98 17.54
N THR B 272 -2.95 20.44 17.40
CA THR B 272 -1.80 19.91 18.15
C THR B 272 -0.63 20.89 18.00
N ASP B 273 0.28 20.89 18.97
CA ASP B 273 1.45 21.78 18.94
C ASP B 273 2.54 21.24 18.00
N THR B 274 2.42 19.98 17.63
CA THR B 274 3.40 19.33 16.78
C THR B 274 2.70 18.69 15.58
N PRO B 275 2.12 19.52 14.68
CA PRO B 275 1.25 18.97 13.64
C PRO B 275 1.92 18.01 12.67
N PHE B 276 3.21 18.17 12.38
CA PHE B 276 3.88 17.27 11.46
C PHE B 276 4.81 16.27 12.18
N ASP B 277 4.36 15.74 13.31
CA ASP B 277 5.17 14.78 14.08
C ASP B 277 5.06 13.34 13.57
N ARG B 278 4.39 13.15 12.43
CA ARG B 278 4.26 11.81 11.86
C ARG B 278 5.00 11.64 10.53
N PRO B 279 5.61 10.46 10.31
CA PRO B 279 6.29 10.19 9.03
C PRO B 279 5.32 10.07 7.87
N MET B 280 5.84 10.01 6.65
CA MET B 280 5.02 10.01 5.45
C MET B 280 5.55 9.07 4.37
N PHE B 281 4.74 8.83 3.35
CA PHE B 281 5.18 8.17 2.14
C PHE B 281 5.23 9.23 1.05
N ILE B 282 5.98 8.98 -0.02
CA ILE B 282 6.05 9.89 -1.18
C ILE B 282 4.91 9.63 -2.16
N HIS B 283 4.28 10.70 -2.63
CA HIS B 283 3.32 10.62 -3.72
C HIS B 283 3.77 11.39 -4.93
N ILE B 284 3.59 10.78 -6.10
CA ILE B 284 3.90 11.44 -7.37
C ILE B 284 2.72 11.21 -8.27
N VAL B 285 1.99 12.28 -8.56
CA VAL B 285 0.62 12.15 -9.01
C VAL B 285 0.25 13.08 -10.18
N THR B 286 -0.61 12.56 -11.05
CA THR B 286 -1.11 13.33 -12.15
C THR B 286 -2.64 13.35 -12.06
N GLU B 287 -3.22 14.54 -11.97
CA GLU B 287 -4.65 14.65 -11.71
C GLU B 287 -5.36 15.80 -12.40
N THR B 288 -6.67 15.70 -12.33
CA THR B 288 -7.62 16.68 -12.79
C THR B 288 -8.09 17.48 -11.55
N TYR B 289 -8.35 18.78 -11.73
CA TYR B 289 -8.88 19.65 -10.69
C TYR B 289 -10.27 20.19 -11.09
N ASP B 290 -11.16 20.32 -10.11
CA ASP B 290 -12.51 20.82 -10.34
C ASP B 290 -12.53 22.26 -10.84
N TRP B 291 -11.52 23.05 -10.48
CA TRP B 291 -11.42 24.44 -10.92
C TRP B 291 -10.77 24.61 -12.30
N GLU B 292 -10.38 23.50 -12.91
CA GLU B 292 -9.93 23.50 -14.29
C GLU B 292 -10.74 22.44 -15.05
N LYS B 293 -11.96 22.83 -15.40
CA LYS B 293 -12.92 21.97 -16.09
C LYS B 293 -12.53 21.71 -17.54
N GLN B 294 -11.65 22.55 -18.10
CA GLN B 294 -11.18 22.33 -19.46
C GLN B 294 -10.08 21.27 -19.53
N VAL B 295 -10.42 20.12 -18.96
CA VAL B 295 -9.73 18.84 -19.03
C VAL B 295 -9.13 18.52 -20.40
N PRO B 296 -8.04 17.72 -20.46
CA PRO B 296 -7.50 17.42 -21.77
C PRO B 296 -8.44 16.56 -22.61
N THR B 297 -8.55 16.94 -23.88
CA THR B 297 -9.37 16.28 -24.88
C THR B 297 -8.51 15.25 -25.58
N ALA B 298 -9.14 14.33 -26.32
CA ALA B 298 -8.40 13.28 -27.04
C ALA B 298 -7.40 13.91 -28.01
N GLU B 299 -7.85 14.96 -28.70
CA GLU B 299 -6.98 15.80 -29.53
C GLU B 299 -5.78 16.37 -28.76
N ASP B 300 -6.00 16.95 -27.57
CA ASP B 300 -4.90 17.41 -26.72
C ASP B 300 -3.89 16.29 -26.48
N LEU B 301 -4.40 15.10 -26.18
CA LEU B 301 -3.55 13.99 -25.78
C LEU B 301 -2.89 13.23 -26.92
N LYS B 302 -3.18 13.63 -28.16
CA LYS B 302 -2.53 13.04 -29.35
C LYS B 302 -1.00 13.04 -29.22
N ASP B 303 -0.42 14.17 -28.76
CA ASP B 303 1.03 14.31 -28.57
C ASP B 303 1.46 13.74 -27.22
N LYS B 304 2.20 12.63 -27.28
CA LYS B 304 2.51 11.82 -26.12
C LYS B 304 3.61 12.44 -25.28
N ASP B 305 4.68 12.87 -25.94
CA ASP B 305 5.76 13.62 -25.30
C ASP B 305 5.20 14.79 -24.46
N LYS B 306 4.32 15.60 -25.05
CA LYS B 306 3.74 16.78 -24.40
C LYS B 306 2.67 16.43 -23.37
N SER B 307 2.14 15.21 -23.46
CA SER B 307 1.16 14.72 -22.50
C SER B 307 1.82 14.08 -21.28
N THR B 308 3.15 14.05 -21.26
CA THR B 308 3.91 13.35 -20.23
C THR B 308 4.55 14.33 -19.24
N THR B 309 4.33 14.08 -17.95
CA THR B 309 5.12 14.68 -16.88
C THR B 309 6.37 13.82 -16.68
N TYR B 310 7.54 14.46 -16.69
CA TYR B 310 8.81 13.77 -16.57
C TYR B 310 9.48 14.13 -15.25
N TYR B 311 9.93 13.10 -14.53
CA TYR B 311 10.74 13.26 -13.34
C TYR B 311 12.13 12.69 -13.63
N ASP B 312 13.12 13.57 -13.66
CA ASP B 312 14.49 13.15 -13.88
C ASP B 312 14.95 12.34 -12.66
N TRP B 313 14.61 12.83 -11.49
CA TRP B 313 14.92 12.09 -10.27
C TRP B 313 14.08 12.56 -9.11
N VAL B 314 14.14 11.75 -8.06
CA VAL B 314 13.63 12.12 -6.77
C VAL B 314 14.79 11.83 -5.83
N ARG B 315 15.15 12.83 -5.03
CA ARG B 315 16.24 12.66 -4.07
C ARG B 315 15.83 13.01 -2.65
N ALA B 316 16.24 12.18 -1.69
CA ALA B 316 15.86 12.37 -0.27
C ALA B 316 17.05 12.25 0.67
N TYR B 317 17.05 13.08 1.70
CA TYR B 317 18.20 13.21 2.61
C TYR B 317 17.78 13.24 4.08
N LYS B 318 18.64 12.71 4.94
CA LYS B 318 18.48 12.82 6.41
C LYS B 318 19.61 13.67 6.98
N LEU B 319 19.33 14.35 8.09
CA LEU B 319 20.39 14.94 8.91
C LEU B 319 20.95 13.96 9.93
N VAL B 320 22.28 13.88 9.95
CA VAL B 320 23.01 12.91 10.75
C VAL B 320 24.19 13.64 11.41
N PRO B 321 24.50 13.30 12.67
CA PRO B 321 25.69 13.90 13.31
C PRO B 321 26.96 13.59 12.51
N ILE B 322 27.81 14.60 12.31
CA ILE B 322 29.09 14.46 11.61
C ILE B 322 29.97 13.32 12.18
N GLU B 323 30.09 13.27 13.50
CA GLU B 323 30.88 12.24 14.18
C GLU B 323 30.18 11.81 15.47
CA CA C . 7.21 -14.11 19.42
C1 GOL D . -8.43 -15.67 1.28
O1 GOL D . -9.05 -16.72 0.54
C2 GOL D . -9.33 -15.16 2.39
O2 GOL D . -10.40 -14.39 1.86
C3 GOL D . -8.47 -14.20 3.20
O3 GOL D . -8.52 -14.49 4.57
CA CA E . 17.54 10.39 -14.25
C1 GOL F . -2.21 17.31 -5.37
O1 GOL F . -1.97 15.97 -5.74
C2 GOL F . -2.98 17.35 -4.04
O2 GOL F . -4.30 16.82 -4.17
C3 GOL F . -2.95 18.78 -3.51
O3 GOL F . -2.93 18.82 -2.10
#